data_6EUW
#
_entry.id   6EUW
#
_cell.length_a   62.490
_cell.length_b   62.490
_cell.length_c   69.970
_cell.angle_alpha   90.00
_cell.angle_beta   90.00
_cell.angle_gamma   120.00
#
_symmetry.space_group_name_H-M   'P 61'
#
loop_
_entity.id
_entity.type
_entity.pdbx_description
1 polymer 'Polymerase basic protein 2'
2 non-polymer '(2~{S},3~{S})-3-[[5-fluoranyl-2-(5-fluoranyl-1~{H}-pyrazolo[3,4-b]pyridin-3-yl)pyrimidin-4-yl]amino]bicyclo[2.2.2]octane-2-carboxylic acid'
3 non-polymer GLYCEROL
4 water water
#
_entity_poly.entity_id   1
_entity_poly.type   'polypeptide(L)'
_entity_poly.pdbx_seq_one_letter_code
;GRISSSFSFGGFTFKRTSGSSVKKEEEVLTGNLQTLKIRVHEGYEEFTMVGRRATAILRKATRRLIQLIVSGRDEQSIAE
AIIVAMVFSQEDCMIKAVRGDLNFGSGLNPMHQLLRHFQKDAKVLFQNWGIEPIDNVMGMIGILPDMTPSTEMSLRGVRV
SKM
;
_entity_poly.pdbx_strand_id   A
#
# COMPACT_ATOMS: atom_id res chain seq x y z
N ILE A 3 -12.87 15.10 7.17
CA ILE A 3 -12.26 14.15 6.19
C ILE A 3 -13.26 13.06 5.78
N SER A 4 -13.33 12.76 4.48
N SER A 4 -13.32 12.77 4.47
CA SER A 4 -14.29 11.81 3.92
CA SER A 4 -14.28 11.80 3.90
C SER A 4 -14.08 10.39 4.45
C SER A 4 -14.08 10.40 4.48
N SER A 5 -15.17 9.68 4.72
CA SER A 5 -15.15 8.26 5.21
C SER A 5 -15.02 7.20 4.11
N SER A 6 -15.44 7.54 2.88
CA SER A 6 -15.28 6.67 1.74
C SER A 6 -14.78 7.47 0.55
N PHE A 7 -13.94 6.83 -0.25
CA PHE A 7 -13.30 7.49 -1.38
C PHE A 7 -12.69 6.41 -2.25
N SER A 8 -12.22 6.80 -3.42
N SER A 8 -12.24 6.79 -3.44
CA SER A 8 -11.65 5.89 -4.39
CA SER A 8 -11.63 5.85 -4.38
C SER A 8 -10.17 6.20 -4.59
C SER A 8 -10.16 6.19 -4.56
N PHE A 9 -9.35 5.15 -4.71
CA PHE A 9 -7.93 5.33 -5.04
C PHE A 9 -7.46 4.07 -5.74
N GLY A 10 -6.85 4.24 -6.90
CA GLY A 10 -6.30 3.13 -7.62
C GLY A 10 -7.30 2.09 -8.06
N GLY A 11 -8.56 2.49 -8.26
CA GLY A 11 -9.60 1.54 -8.64
C GLY A 11 -10.20 0.77 -7.48
N PHE A 12 -9.82 1.14 -6.25
CA PHE A 12 -10.41 0.57 -5.06
C PHE A 12 -11.28 1.58 -4.36
N THR A 13 -12.43 1.12 -3.89
CA THR A 13 -13.22 1.89 -2.93
C THR A 13 -12.65 1.64 -1.54
N PHE A 14 -12.26 2.73 -0.88
CA PHE A 14 -11.78 2.68 0.50
C PHE A 14 -12.93 3.10 1.40
N LYS A 15 -13.05 2.44 2.55
CA LYS A 15 -14.02 2.85 3.58
C LYS A 15 -13.29 2.79 4.90
N ARG A 16 -13.28 3.89 5.64
CA ARG A 16 -12.65 3.92 6.95
C ARG A 16 -13.59 3.25 7.95
N THR A 17 -13.15 2.15 8.53
CA THR A 17 -13.96 1.42 9.49
C THR A 17 -13.61 1.72 10.93
N SER A 18 -12.41 2.23 11.19
CA SER A 18 -12.00 2.60 12.55
C SER A 18 -11.00 3.72 12.47
N GLY A 19 -10.96 4.52 13.52
CA GLY A 19 -9.92 5.54 13.64
C GLY A 19 -10.20 6.83 12.95
N SER A 20 -9.16 7.63 12.81
CA SER A 20 -9.27 8.97 12.24
C SER A 20 -7.87 9.46 11.96
N SER A 21 -7.79 10.51 11.14
CA SER A 21 -6.52 11.16 10.92
C SER A 21 -6.73 12.64 10.73
N VAL A 22 -5.63 13.36 10.93
CA VAL A 22 -5.54 14.77 10.55
C VAL A 22 -4.49 14.92 9.45
N LYS A 23 -4.62 15.96 8.63
CA LYS A 23 -3.71 16.20 7.51
C LYS A 23 -2.68 17.24 7.87
N LYS A 24 -1.43 16.97 7.54
CA LYS A 24 -0.34 17.93 7.71
C LYS A 24 0.44 17.97 6.41
N GLU A 25 0.54 19.16 5.82
CA GLU A 25 1.36 19.31 4.62
C GLU A 25 2.86 19.20 4.94
N GLU A 26 3.57 18.37 4.18
CA GLU A 26 4.97 18.12 4.38
C GLU A 26 5.62 18.02 3.01
N GLU A 27 6.89 18.35 2.97
CA GLU A 27 7.68 18.11 1.78
C GLU A 27 8.54 16.88 2.05
N VAL A 28 8.54 15.95 1.11
CA VAL A 28 9.36 14.73 1.15
C VAL A 28 10.32 14.77 -0.06
N LEU A 29 11.47 14.10 0.05
N LEU A 29 11.32 13.90 0.01
CA LEU A 29 12.43 13.92 -1.07
CA LEU A 29 12.35 13.84 -0.99
C LEU A 29 12.28 12.50 -1.61
C LEU A 29 12.27 12.46 -1.60
N THR A 30 11.96 12.37 -2.89
CA THR A 30 11.83 11.08 -3.50
C THR A 30 13.18 10.42 -3.72
N GLY A 31 13.13 9.14 -4.11
CA GLY A 31 14.32 8.40 -4.52
C GLY A 31 14.96 8.92 -5.79
N ASN A 32 14.30 9.87 -6.48
CA ASN A 32 14.89 10.58 -7.61
C ASN A 32 15.32 11.98 -7.23
N LEU A 33 15.44 12.24 -5.94
CA LEU A 33 15.86 13.55 -5.45
C LEU A 33 14.96 14.68 -5.93
N GLN A 34 13.65 14.42 -6.03
CA GLN A 34 12.65 15.46 -6.32
C GLN A 34 11.92 15.78 -5.04
N THR A 35 11.64 17.05 -4.84
CA THR A 35 10.79 17.47 -3.73
C THR A 35 9.34 17.30 -4.12
N LEU A 36 8.60 16.70 -3.20
CA LEU A 36 7.20 16.48 -3.38
C LEU A 36 6.47 17.00 -2.17
N LYS A 37 5.44 17.79 -2.41
CA LYS A 37 4.59 18.31 -1.35
C LYS A 37 3.39 17.40 -1.24
N ILE A 38 3.29 16.73 -0.11
N ILE A 38 3.10 16.87 -0.05
CA ILE A 38 2.19 15.86 0.16
CA ILE A 38 2.02 15.86 0.17
C ILE A 38 1.54 16.29 1.46
C ILE A 38 1.24 16.05 1.48
N ARG A 39 0.27 15.88 1.53
N ARG A 39 -0.07 15.78 1.50
CA ARG A 39 -0.55 15.94 2.73
CA ARG A 39 -0.79 15.88 2.76
C ARG A 39 -0.47 14.60 3.44
C ARG A 39 -0.55 14.56 3.49
N VAL A 40 0.30 14.58 4.50
CA VAL A 40 0.52 13.41 5.32
C VAL A 40 -0.63 13.28 6.32
N HIS A 41 -1.20 12.08 6.40
CA HIS A 41 -2.24 11.79 7.35
C HIS A 41 -1.61 11.24 8.62
N GLU A 42 -1.99 11.83 9.74
CA GLU A 42 -1.48 11.44 11.05
C GLU A 42 -2.63 10.82 11.85
N GLY A 43 -2.40 9.60 12.32
CA GLY A 43 -3.37 8.88 13.14
C GLY A 43 -3.41 7.41 12.86
N TYR A 44 -4.09 6.66 13.72
CA TYR A 44 -4.34 5.24 13.52
C TYR A 44 -5.68 5.06 12.80
N GLU A 45 -5.66 4.25 11.74
CA GLU A 45 -6.85 4.03 10.91
C GLU A 45 -6.93 2.60 10.42
N GLU A 46 -8.17 2.16 10.20
N GLU A 46 -8.17 2.13 10.22
CA GLU A 46 -8.43 0.90 9.55
CA GLU A 46 -8.43 0.85 9.55
C GLU A 46 -9.38 1.16 8.38
C GLU A 46 -9.41 1.11 8.41
N PHE A 47 -9.13 0.49 7.27
CA PHE A 47 -9.91 0.62 6.07
C PHE A 47 -10.26 -0.75 5.50
N THR A 48 -11.38 -0.78 4.78
CA THR A 48 -11.59 -1.81 3.79
C THR A 48 -11.25 -1.25 2.42
N MET A 49 -10.82 -2.16 1.55
CA MET A 49 -10.58 -1.86 0.11
C MET A 49 -11.37 -2.86 -0.70
N VAL A 50 -12.19 -2.37 -1.63
CA VAL A 50 -12.96 -3.26 -2.50
C VAL A 50 -12.70 -2.81 -3.94
N GLY A 51 -12.14 -3.73 -4.71
CA GLY A 51 -11.93 -3.52 -6.14
C GLY A 51 -12.70 -4.54 -6.93
N ARG A 52 -12.62 -4.46 -8.24
CA ARG A 52 -13.25 -5.43 -9.10
C ARG A 52 -12.68 -6.84 -8.97
N ARG A 53 -11.39 -6.93 -8.64
CA ARG A 53 -10.69 -8.23 -8.66
C ARG A 53 -9.93 -8.55 -7.38
N ALA A 54 -10.08 -7.73 -6.34
CA ALA A 54 -9.44 -7.98 -5.07
C ALA A 54 -10.19 -7.22 -3.97
N THR A 55 -9.98 -7.70 -2.75
N THR A 55 -10.11 -7.76 -2.76
CA THR A 55 -10.63 -7.22 -1.54
CA THR A 55 -10.53 -7.06 -1.55
C THR A 55 -9.55 -7.24 -0.43
C THR A 55 -9.41 -7.10 -0.55
N ALA A 56 -9.50 -6.21 0.43
CA ALA A 56 -8.49 -6.16 1.47
C ALA A 56 -8.97 -5.42 2.68
N ILE A 57 -8.29 -5.72 3.78
CA ILE A 57 -8.35 -4.93 5.01
C ILE A 57 -6.97 -4.33 5.23
N LEU A 58 -6.93 -3.03 5.51
CA LEU A 58 -5.69 -2.27 5.71
C LEU A 58 -5.73 -1.58 7.05
N ARG A 59 -4.74 -1.85 7.90
CA ARG A 59 -4.49 -1.09 9.11
C ARG A 59 -3.27 -0.24 8.86
N LYS A 60 -3.30 1.01 9.30
CA LYS A 60 -2.15 1.90 9.12
C LYS A 60 -2.09 2.91 10.24
N ALA A 61 -0.91 3.49 10.36
CA ALA A 61 -0.66 4.64 11.24
C ALA A 61 0.09 5.69 10.42
N THR A 62 0.61 6.72 11.09
CA THR A 62 1.26 7.83 10.39
C THR A 62 2.44 7.32 9.59
N ARG A 63 2.38 7.42 8.26
CA ARG A 63 3.45 6.97 7.37
C ARG A 63 3.93 5.57 7.72
N ARG A 64 2.96 4.69 7.99
CA ARG A 64 3.30 3.34 8.44
C ARG A 64 2.20 2.36 8.09
N LEU A 65 2.50 1.38 7.25
N LEU A 65 2.52 1.38 7.26
CA LEU A 65 1.55 0.28 7.03
CA LEU A 65 1.61 0.26 7.03
C LEU A 65 1.67 -0.66 8.20
C LEU A 65 1.70 -0.68 8.22
N ILE A 66 0.56 -0.99 8.84
CA ILE A 66 0.52 -1.94 9.93
C ILE A 66 0.26 -3.35 9.40
N GLN A 67 -0.83 -3.53 8.66
CA GLN A 67 -1.14 -4.85 8.12
C GLN A 67 -2.05 -4.66 6.93
N LEU A 68 -1.80 -5.46 5.89
CA LEU A 68 -2.70 -5.59 4.75
C LEU A 68 -2.99 -7.06 4.59
N ILE A 69 -4.27 -7.38 4.68
N ILE A 69 -4.26 -7.43 4.61
CA ILE A 69 -4.75 -8.74 4.48
CA ILE A 69 -4.68 -8.81 4.24
C ILE A 69 -5.54 -8.65 3.19
C ILE A 69 -5.44 -8.70 2.92
N VAL A 70 -5.10 -9.38 2.15
N VAL A 70 -4.95 -9.39 1.90
CA VAL A 70 -5.63 -9.16 0.81
CA VAL A 70 -5.53 -9.31 0.57
C VAL A 70 -6.02 -10.48 0.11
C VAL A 70 -6.10 -10.65 0.17
N SER A 71 -7.18 -10.47 -0.53
N SER A 71 -7.24 -10.60 -0.50
CA SER A 71 -7.66 -11.62 -1.29
CA SER A 71 -7.73 -11.71 -1.29
C SER A 71 -7.90 -11.18 -2.72
C SER A 71 -7.86 -11.18 -2.71
N GLY A 72 -7.44 -11.95 -3.69
CA GLY A 72 -7.64 -11.54 -5.06
C GLY A 72 -7.76 -12.68 -5.99
N ARG A 73 -8.19 -12.36 -7.21
CA ARG A 73 -8.49 -13.35 -8.23
C ARG A 73 -7.25 -14.11 -8.73
N ASP A 74 -6.12 -13.42 -8.77
CA ASP A 74 -4.86 -13.96 -9.30
C ASP A 74 -3.69 -13.10 -8.80
N GLU A 75 -2.48 -13.50 -9.16
N GLU A 75 -2.46 -13.46 -9.15
CA GLU A 75 -1.29 -12.77 -8.75
CA GLU A 75 -1.28 -12.73 -8.67
C GLU A 75 -1.32 -11.28 -9.13
C GLU A 75 -1.23 -11.27 -9.15
N GLN A 76 -1.69 -10.98 -10.37
CA GLN A 76 -1.72 -9.59 -10.84
C GLN A 76 -2.73 -8.76 -10.02
N SER A 77 -3.89 -9.34 -9.73
CA SER A 77 -4.92 -8.59 -9.01
C SER A 77 -4.51 -8.35 -7.56
N ILE A 78 -3.80 -9.30 -6.98
CA ILE A 78 -3.26 -9.12 -5.63
C ILE A 78 -2.19 -8.03 -5.68
N ALA A 79 -1.29 -8.08 -6.66
CA ALA A 79 -0.24 -7.08 -6.79
C ALA A 79 -0.83 -5.67 -6.87
N GLU A 80 -1.90 -5.51 -7.64
CA GLU A 80 -2.52 -4.20 -7.78
C GLU A 80 -2.94 -3.63 -6.44
N ALA A 81 -3.56 -4.47 -5.62
CA ALA A 81 -4.00 -4.03 -4.29
C ALA A 81 -2.81 -3.66 -3.39
N ILE A 82 -1.75 -4.48 -3.44
CA ILE A 82 -0.58 -4.24 -2.63
C ILE A 82 0.04 -2.91 -2.99
N ILE A 83 0.19 -2.63 -4.29
CA ILE A 83 0.78 -1.35 -4.71
C ILE A 83 -0.03 -0.19 -4.18
N VAL A 84 -1.37 -0.24 -4.34
CA VAL A 84 -2.20 0.84 -3.85
C VAL A 84 -2.02 1.04 -2.36
N ALA A 85 -2.02 -0.05 -1.58
CA ALA A 85 -1.85 0.05 -0.15
C ALA A 85 -0.49 0.62 0.23
N MET A 86 0.57 0.19 -0.46
CA MET A 86 1.90 0.70 -0.16
C MET A 86 2.02 2.20 -0.43
N VAL A 87 1.44 2.65 -1.55
CA VAL A 87 1.45 4.09 -1.83
C VAL A 87 0.60 4.85 -0.80
N PHE A 88 -0.61 4.34 -0.53
CA PHE A 88 -1.50 4.96 0.44
C PHE A 88 -0.86 5.10 1.81
N SER A 89 0.00 4.13 2.18
CA SER A 89 0.63 4.17 3.50
C SER A 89 1.49 5.40 3.70
N GLN A 90 1.99 5.99 2.60
CA GLN A 90 2.88 7.14 2.66
C GLN A 90 4.25 6.81 3.28
N GLU A 91 4.60 5.52 3.35
CA GLU A 91 5.87 5.17 3.95
C GLU A 91 7.06 5.77 3.22
N ASP A 92 8.09 6.13 4.00
CA ASP A 92 9.33 6.63 3.42
C ASP A 92 9.99 5.64 2.47
N CYS A 93 9.92 4.33 2.74
CA CYS A 93 10.57 3.39 1.82
C CYS A 93 9.90 3.42 0.46
N MET A 94 8.60 3.73 0.41
CA MET A 94 7.90 3.90 -0.86
C MET A 94 8.33 5.18 -1.56
N ILE A 95 8.41 6.28 -0.82
CA ILE A 95 8.90 7.53 -1.40
C ILE A 95 10.32 7.36 -1.96
N LYS A 96 11.17 6.67 -1.22
CA LYS A 96 12.55 6.46 -1.63
C LYS A 96 12.73 5.42 -2.72
N ALA A 97 11.66 4.67 -3.04
CA ALA A 97 11.70 3.71 -4.14
C ALA A 97 11.37 4.32 -5.48
N VAL A 98 10.97 5.60 -5.52
CA VAL A 98 10.69 6.27 -6.77
C VAL A 98 11.98 6.35 -7.60
N ARG A 99 11.83 6.07 -8.91
CA ARG A 99 12.94 6.08 -9.85
C ARG A 99 12.63 6.84 -11.09
N GLY A 100 11.75 7.81 -10.99
CA GLY A 100 11.48 8.70 -12.10
C GLY A 100 11.13 10.06 -11.61
N ASP A 101 11.24 11.05 -12.48
CA ASP A 101 10.72 12.36 -12.15
C ASP A 101 9.22 12.32 -12.36
N LEU A 102 8.50 12.89 -11.40
CA LEU A 102 7.04 12.89 -11.41
C LEU A 102 6.50 14.18 -11.96
N ASN A 103 5.38 14.10 -12.67
CA ASN A 103 4.77 15.24 -13.36
C ASN A 103 4.09 16.17 -12.35
N LEU A 108 -1.84 18.46 -10.84
CA LEU A 108 -1.78 17.04 -10.54
C LEU A 108 -1.52 16.74 -9.05
N ASN A 109 -2.20 15.72 -8.55
CA ASN A 109 -2.17 15.35 -7.15
C ASN A 109 -0.95 14.43 -6.89
N PRO A 110 -0.07 14.76 -5.92
CA PRO A 110 1.19 14.00 -5.82
C PRO A 110 0.98 12.53 -5.49
N MET A 111 -0.05 12.22 -4.71
CA MET A 111 -0.33 10.83 -4.40
C MET A 111 -0.72 10.06 -5.66
N HIS A 112 -1.46 10.72 -6.57
CA HIS A 112 -1.78 10.06 -7.82
C HIS A 112 -0.56 9.84 -8.69
N GLN A 113 0.38 10.77 -8.66
CA GLN A 113 1.60 10.57 -9.43
C GLN A 113 2.47 9.48 -8.90
N LEU A 114 2.58 9.37 -7.57
CA LEU A 114 3.28 8.25 -6.97
C LEU A 114 2.64 6.94 -7.39
N LEU A 115 1.31 6.86 -7.30
CA LEU A 115 0.62 5.63 -7.63
C LEU A 115 0.88 5.25 -9.09
N ARG A 116 0.70 6.21 -10.01
CA ARG A 116 0.92 5.90 -11.41
C ARG A 116 2.33 5.41 -11.65
N HIS A 117 3.32 6.02 -11.01
CA HIS A 117 4.70 5.59 -11.17
C HIS A 117 4.87 4.14 -10.79
N PHE A 118 4.36 3.74 -9.63
CA PHE A 118 4.55 2.35 -9.21
C PHE A 118 3.68 1.37 -9.95
N GLN A 119 2.51 1.79 -10.43
CA GLN A 119 1.69 0.92 -11.26
C GLN A 119 2.43 0.54 -12.55
N LYS A 120 3.26 1.44 -13.05
N LYS A 120 3.29 1.42 -13.07
CA LYS A 120 4.00 1.19 -14.26
CA LYS A 120 4.11 1.08 -14.25
C LYS A 120 5.06 0.07 -14.03
C LYS A 120 4.98 -0.10 -13.97
N ASP A 121 5.67 0.00 -12.84
CA ASP A 121 6.70 -1.00 -12.53
C ASP A 121 6.96 -0.92 -11.03
N ALA A 122 6.62 -1.97 -10.30
CA ALA A 122 6.70 -1.99 -8.84
C ALA A 122 7.91 -2.78 -8.34
N LYS A 123 8.85 -3.12 -9.21
CA LYS A 123 9.95 -3.98 -8.74
C LYS A 123 10.79 -3.32 -7.62
N VAL A 124 11.15 -2.06 -7.80
CA VAL A 124 11.98 -1.40 -6.77
C VAL A 124 11.16 -1.19 -5.50
N LEU A 125 9.89 -0.81 -5.64
CA LEU A 125 9.00 -0.70 -4.50
C LEU A 125 9.00 -1.99 -3.69
N PHE A 126 8.74 -3.11 -4.37
CA PHE A 126 8.61 -4.39 -3.66
C PHE A 126 9.94 -4.87 -3.06
N GLN A 127 11.05 -4.64 -3.74
N GLN A 127 11.03 -4.63 -3.79
CA GLN A 127 12.34 -5.09 -3.19
CA GLN A 127 12.37 -5.03 -3.33
C GLN A 127 12.75 -4.26 -1.99
C GLN A 127 12.75 -4.27 -2.06
N ASN A 128 12.45 -2.98 -2.03
CA ASN A 128 12.87 -2.10 -0.95
C ASN A 128 11.94 -2.08 0.25
N TRP A 129 10.75 -2.61 0.09
CA TRP A 129 9.75 -2.55 1.14
C TRP A 129 10.18 -3.31 2.39
N GLY A 130 10.74 -4.49 2.16
CA GLY A 130 11.16 -5.37 3.26
C GLY A 130 10.30 -6.60 3.34
N ILE A 131 10.89 -7.66 3.90
CA ILE A 131 10.20 -8.91 4.15
C ILE A 131 10.33 -9.24 5.65
N GLU A 132 9.60 -10.28 6.04
CA GLU A 132 9.65 -10.76 7.41
C GLU A 132 9.35 -12.23 7.42
N PRO A 133 9.87 -12.96 8.42
CA PRO A 133 9.42 -14.34 8.58
C PRO A 133 7.97 -14.34 9.04
N ILE A 134 7.25 -15.40 8.67
CA ILE A 134 5.88 -15.57 9.12
C ILE A 134 5.68 -16.94 9.75
N ASP A 135 4.65 -17.01 10.58
CA ASP A 135 4.18 -18.25 11.16
C ASP A 135 3.09 -18.81 10.28
N ASN A 136 2.90 -20.12 10.37
CA ASN A 136 1.86 -20.80 9.64
C ASN A 136 0.55 -20.50 10.37
N VAL A 137 -0.28 -19.67 9.76
CA VAL A 137 -1.57 -19.27 10.31
C VAL A 137 -2.64 -19.77 9.35
N MET A 138 -3.66 -20.45 9.88
CA MET A 138 -4.71 -21.00 9.03
C MET A 138 -5.46 -19.82 8.38
N GLY A 139 -5.76 -19.97 7.09
CA GLY A 139 -6.43 -18.92 6.31
C GLY A 139 -5.57 -17.86 5.62
N MET A 140 -4.26 -17.92 5.83
N MET A 140 -4.26 -17.92 5.80
CA MET A 140 -3.33 -16.91 5.31
CA MET A 140 -3.40 -16.98 5.10
C MET A 140 -2.07 -17.56 4.74
C MET A 140 -2.06 -17.55 4.74
N ILE A 141 -1.41 -16.85 3.82
CA ILE A 141 -0.11 -17.26 3.28
C ILE A 141 0.71 -15.99 3.01
N GLY A 142 2.01 -16.13 2.90
CA GLY A 142 2.89 -15.03 2.55
C GLY A 142 2.96 -14.77 1.07
N ILE A 143 3.49 -13.61 0.72
CA ILE A 143 3.74 -13.25 -0.68
C ILE A 143 5.08 -12.57 -0.76
N LEU A 144 5.90 -13.03 -1.71
CA LEU A 144 7.24 -12.55 -1.90
C LEU A 144 7.29 -11.29 -2.76
N PRO A 145 8.44 -10.62 -2.84
CA PRO A 145 8.52 -9.44 -3.69
C PRO A 145 8.20 -9.67 -5.16
N ASP A 146 8.39 -10.90 -5.64
CA ASP A 146 8.05 -11.24 -7.03
C ASP A 146 6.59 -11.67 -7.20
N MET A 147 5.77 -11.51 -6.15
CA MET A 147 4.32 -11.74 -6.14
C MET A 147 3.90 -13.21 -6.12
N THR A 148 4.87 -14.09 -5.86
CA THR A 148 4.58 -15.51 -5.70
C THR A 148 4.48 -15.90 -4.21
N PRO A 149 3.80 -17.01 -3.92
CA PRO A 149 3.52 -17.35 -2.52
C PRO A 149 4.68 -17.93 -1.76
N SER A 150 4.65 -17.77 -0.43
CA SER A 150 5.59 -18.44 0.45
C SER A 150 4.93 -18.71 1.77
N THR A 151 5.18 -19.91 2.30
CA THR A 151 4.69 -20.27 3.62
C THR A 151 5.56 -19.75 4.76
N GLU A 152 6.78 -19.29 4.44
CA GLU A 152 7.80 -19.04 5.45
C GLU A 152 8.13 -17.54 5.64
N MET A 153 7.84 -16.71 4.63
CA MET A 153 8.22 -15.30 4.64
C MET A 153 7.23 -14.52 3.79
N SER A 154 7.19 -13.21 4.00
CA SER A 154 6.27 -12.36 3.25
C SER A 154 6.79 -10.95 3.23
N LEU A 155 6.30 -10.19 2.26
CA LEU A 155 6.44 -8.74 2.33
C LEU A 155 5.95 -8.28 3.69
N ARG A 156 6.70 -7.33 4.25
CA ARG A 156 6.44 -6.83 5.58
C ARG A 156 5.01 -6.30 5.73
N GLY A 157 4.28 -6.84 6.68
CA GLY A 157 2.91 -6.39 6.96
C GLY A 157 1.88 -6.94 6.00
N VAL A 158 2.25 -7.75 5.02
CA VAL A 158 1.29 -8.21 3.99
C VAL A 158 1.04 -9.70 4.14
N ARG A 159 -0.23 -10.07 4.10
CA ARG A 159 -0.62 -11.46 4.07
C ARG A 159 -1.69 -11.64 3.03
N VAL A 160 -1.75 -12.83 2.46
CA VAL A 160 -2.75 -13.12 1.46
C VAL A 160 -3.75 -14.11 2.06
N SER A 161 -5.06 -13.81 1.96
CA SER A 161 -6.16 -14.61 2.52
C SER A 161 -6.34 -15.76 1.56
N LYS A 162 -6.27 -16.98 2.10
CA LYS A 162 -6.46 -18.20 1.32
C LYS A 162 -6.97 -19.32 2.22
#